data_7DIH
#
_entry.id   7DIH
#
_cell.length_a   59.771
_cell.length_b   35.823
_cell.length_c   138.084
_cell.angle_alpha   90.00
_cell.angle_beta   95.20
_cell.angle_gamma   90.00
#
_symmetry.space_group_name_H-M   'I 1 2 1'
#
loop_
_entity.id
_entity.type
_entity.pdbx_description
1 polymer Thermoglobin
2 non-polymer 'PROTOPORPHYRIN IX CONTAINING FE'
3 non-polymer IMIDAZOLE
4 non-polymer 'SULFATE ION'
5 water water
#
_entity_poly.entity_id   1
_entity_poly.type   'polypeptide(L)'
_entity_poly.pdbx_seq_one_letter_code
;GSHMLSEETIRVIKSTVPLLKEHGTEITARMFELLFSKYPKTKELFAGASEEQPKKLANAIIAYATYIDRLEELDNAIST
IARSHVRRNVKPEHYPLVKECLLQAIEEVLNPGEEVLKAWEEAYDFLAKTLITLEKKLYSQP
;
_entity_poly.pdbx_strand_id   A,B
#
# COMPACT_ATOMS: atom_id res chain seq x y z
N MET A 4 25.15 -18.10 4.65
CA MET A 4 23.97 -18.66 5.31
C MET A 4 24.22 -18.96 6.79
N LEU A 5 23.18 -19.39 7.48
CA LEU A 5 23.25 -19.68 8.90
C LEU A 5 24.01 -20.99 9.16
N SER A 6 24.74 -21.02 10.28
CA SER A 6 25.47 -22.22 10.66
C SER A 6 24.52 -23.34 11.08
N GLU A 7 25.04 -24.56 11.06
CA GLU A 7 24.23 -25.71 11.47
C GLU A 7 23.77 -25.57 12.91
N GLU A 8 24.64 -25.04 13.78
CA GLU A 8 24.27 -24.85 15.17
C GLU A 8 23.15 -23.82 15.32
N THR A 9 23.23 -22.70 14.60
CA THR A 9 22.14 -21.74 14.61
C THR A 9 20.85 -22.37 14.10
N ILE A 10 20.95 -23.14 13.02
CA ILE A 10 19.77 -23.83 12.49
C ILE A 10 19.21 -24.79 13.53
N ARG A 11 20.07 -25.56 14.20
CA ARG A 11 19.58 -26.49 15.23
C ARG A 11 18.85 -25.74 16.32
N VAL A 12 19.40 -24.60 16.78
CA VAL A 12 18.75 -23.84 17.83
C VAL A 12 17.41 -23.29 17.34
N ILE A 13 17.35 -22.75 16.10
CA ILE A 13 16.08 -22.29 15.56
C ILE A 13 15.06 -23.41 15.55
N LYS A 14 15.44 -24.59 15.04
CA LYS A 14 14.50 -25.72 15.03
C LYS A 14 14.01 -26.06 16.44
N SER A 15 14.86 -25.91 17.45
CA SER A 15 14.46 -26.26 18.81
C SER A 15 13.36 -25.33 19.33
N THR A 16 13.18 -24.16 18.72
CA THR A 16 12.15 -23.22 19.18
C THR A 16 10.82 -23.42 18.48
N VAL A 17 10.74 -24.29 17.47
CA VAL A 17 9.46 -24.47 16.77
C VAL A 17 8.34 -24.86 17.72
N PRO A 18 8.52 -25.80 18.67
CA PRO A 18 7.39 -26.11 19.57
C PRO A 18 6.95 -24.91 20.40
N LEU A 19 7.92 -24.12 20.87
CA LEU A 19 7.60 -22.94 21.65
C LEU A 19 6.78 -21.95 20.85
N LEU A 20 7.14 -21.77 19.58
CA LEU A 20 6.43 -20.86 18.71
C LEU A 20 5.05 -21.36 18.35
N LYS A 21 4.87 -22.67 18.21
CA LYS A 21 3.54 -23.19 17.96
C LYS A 21 2.61 -22.93 19.15
N GLU A 22 3.14 -23.01 20.37
CA GLU A 22 2.30 -22.79 21.54
C GLU A 22 2.07 -21.31 21.83
N HIS A 23 3.11 -20.48 21.63
CA HIS A 23 3.10 -19.10 22.11
C HIS A 23 3.26 -18.07 21.01
N GLY A 24 3.23 -18.48 19.74
CA GLY A 24 3.58 -17.55 18.66
C GLY A 24 2.70 -16.31 18.60
N THR A 25 1.39 -16.47 18.74
CA THR A 25 0.50 -15.32 18.64
CA THR A 25 0.51 -15.33 18.62
C THR A 25 0.63 -14.41 19.84
N GLU A 26 0.91 -14.96 21.02
CA GLU A 26 1.23 -14.10 22.16
C GLU A 26 2.46 -13.26 21.85
N ILE A 27 3.48 -13.87 21.28
CA ILE A 27 4.72 -13.18 20.95
C ILE A 27 4.46 -12.06 19.94
N THR A 28 3.73 -12.37 18.86
CA THR A 28 3.58 -11.37 17.82
C THR A 28 2.63 -10.26 18.25
N ALA A 29 1.62 -10.59 19.08
CA ALA A 29 0.77 -9.54 19.62
C ALA A 29 1.56 -8.59 20.49
N ARG A 30 2.46 -9.12 21.33
CA ARG A 30 3.32 -8.28 22.15
C ARG A 30 4.28 -7.46 21.27
N MET A 31 4.82 -8.09 20.23
CA MET A 31 5.68 -7.35 19.30
CA MET A 31 5.67 -7.36 19.30
C MET A 31 4.96 -6.11 18.79
N PHE A 32 3.73 -6.28 18.30
CA PHE A 32 2.96 -5.15 17.77
C PHE A 32 2.74 -4.08 18.83
N GLU A 33 2.45 -4.49 20.06
CA GLU A 33 2.26 -3.53 21.13
C GLU A 33 3.51 -2.69 21.33
N LEU A 34 4.68 -3.33 21.33
CA LEU A 34 5.94 -2.59 21.47
C LEU A 34 6.22 -1.74 20.25
N LEU A 35 5.96 -2.28 19.05
CA LEU A 35 6.27 -1.56 17.82
C LEU A 35 5.44 -0.28 17.70
N PHE A 36 4.13 -0.40 17.92
CA PHE A 36 3.25 0.74 17.73
C PHE A 36 3.44 1.80 18.81
N SER A 37 3.90 1.38 20.00
CA SER A 37 4.14 2.32 21.09
CA SER A 37 4.11 2.37 21.05
C SER A 37 5.47 3.05 20.93
N LYS A 38 6.53 2.30 20.62
CA LYS A 38 7.84 2.92 20.52
C LYS A 38 8.04 3.65 19.19
N TYR A 39 7.47 3.11 18.12
CA TYR A 39 7.64 3.65 16.77
C TYR A 39 6.26 3.87 16.15
N PRO A 40 5.53 4.87 16.65
CA PRO A 40 4.11 5.03 16.25
C PRO A 40 3.88 5.26 14.76
N LYS A 41 4.89 5.71 14.00
CA LYS A 41 4.68 5.87 12.57
C LYS A 41 4.43 4.54 11.87
N THR A 42 4.88 3.43 12.45
CA THR A 42 4.63 2.14 11.81
C THR A 42 3.14 1.77 11.80
N LYS A 43 2.35 2.35 12.71
CA LYS A 43 0.91 2.09 12.71
C LYS A 43 0.29 2.34 11.33
N GLU A 44 0.72 3.41 10.66
CA GLU A 44 0.14 3.77 9.37
C GLU A 44 0.40 2.70 8.32
N LEU A 45 1.50 1.95 8.45
CA LEU A 45 1.80 0.92 7.48
C LEU A 45 0.75 -0.17 7.49
N PHE A 46 0.15 -0.43 8.64
CA PHE A 46 -0.81 -1.51 8.81
C PHE A 46 -2.27 -1.07 8.78
N ALA A 47 -2.53 0.24 8.80
CA ALA A 47 -3.91 0.70 8.83
C ALA A 47 -4.66 0.21 7.60
N GLY A 48 -5.87 -0.31 7.83
CA GLY A 48 -6.72 -0.78 6.75
C GLY A 48 -6.31 -2.11 6.13
N ALA A 49 -5.27 -2.75 6.65
CA ALA A 49 -4.85 -4.06 6.16
C ALA A 49 -5.74 -5.15 6.76
N SER A 50 -5.46 -6.39 6.38
CA SER A 50 -6.33 -7.49 6.76
C SER A 50 -6.29 -7.72 8.27
N GLU A 51 -7.28 -8.45 8.76
CA GLU A 51 -7.38 -8.79 10.17
C GLU A 51 -6.38 -9.87 10.52
N GLU A 52 -6.24 -10.11 11.84
CA GLU A 52 -5.44 -11.23 12.37
C GLU A 52 -3.97 -11.11 11.99
N GLN A 53 -3.44 -9.89 12.07
CA GLN A 53 -2.02 -9.72 11.83
C GLN A 53 -1.15 -10.50 12.81
N PRO A 54 -1.44 -10.56 14.12
CA PRO A 54 -0.58 -11.40 14.97
C PRO A 54 -0.55 -12.84 14.54
N LYS A 55 -1.69 -13.40 14.14
CA LYS A 55 -1.71 -14.79 13.68
C LYS A 55 -0.92 -14.95 12.39
N LYS A 56 -1.07 -14.01 11.45
CA LYS A 56 -0.38 -14.14 10.18
C LYS A 56 1.13 -14.12 10.36
N LEU A 57 1.63 -13.23 11.22
CA LEU A 57 3.07 -13.21 11.42
C LEU A 57 3.54 -14.45 12.18
N ALA A 58 2.78 -14.90 13.19
CA ALA A 58 3.16 -16.09 13.94
C ALA A 58 3.27 -17.30 13.03
N ASN A 59 2.32 -17.45 12.09
CA ASN A 59 2.37 -18.56 11.14
C ASN A 59 3.60 -18.47 10.25
N ALA A 60 3.94 -17.26 9.80
CA ALA A 60 5.12 -17.08 8.95
C ALA A 60 6.41 -17.41 9.72
N ILE A 61 6.49 -16.98 10.98
CA ILE A 61 7.67 -17.29 11.79
C ILE A 61 7.79 -18.79 12.02
N ILE A 62 6.68 -19.46 12.28
CA ILE A 62 6.71 -20.91 12.48
C ILE A 62 7.13 -21.61 11.20
N ALA A 63 6.61 -21.16 10.06
CA ALA A 63 6.99 -21.78 8.78
C ALA A 63 8.46 -21.52 8.48
N TYR A 64 8.93 -20.31 8.75
CA TYR A 64 10.33 -19.98 8.53
C TYR A 64 11.24 -20.86 9.37
N ALA A 65 10.93 -20.99 10.67
CA ALA A 65 11.73 -21.84 11.54
C ALA A 65 11.69 -23.29 11.09
N THR A 66 10.53 -23.75 10.63
CA THR A 66 10.39 -25.15 10.19
C THR A 66 11.26 -25.43 8.96
N TYR A 67 11.33 -24.47 8.03
CA TYR A 67 12.00 -24.68 6.75
C TYR A 67 13.29 -23.87 6.64
N ILE A 68 13.87 -23.48 7.77
CA ILE A 68 15.01 -22.57 7.69
C ILE A 68 16.18 -23.27 7.03
N ASP A 69 16.20 -24.61 7.10
CA ASP A 69 17.20 -25.46 6.47
C ASP A 69 16.79 -25.93 5.08
N ARG A 70 15.63 -25.49 4.60
CA ARG A 70 15.06 -25.90 3.32
CA ARG A 70 15.08 -25.89 3.29
C ARG A 70 14.34 -24.70 2.69
N LEU A 71 15.05 -23.58 2.55
CA LEU A 71 14.38 -22.33 2.22
C LEU A 71 13.69 -22.32 0.86
N GLU A 72 14.10 -23.19 -0.06
CA GLU A 72 13.39 -23.27 -1.33
C GLU A 72 11.93 -23.61 -1.14
N GLU A 73 11.60 -24.31 -0.05
CA GLU A 73 10.21 -24.61 0.24
C GLU A 73 9.40 -23.34 0.52
N LEU A 74 10.06 -22.24 0.83
CA LEU A 74 9.39 -20.98 1.16
C LEU A 74 9.44 -19.98 0.02
N ASP A 75 9.81 -20.40 -1.19
CA ASP A 75 9.92 -19.45 -2.31
C ASP A 75 8.61 -18.69 -2.49
N ASN A 76 7.49 -19.42 -2.58
CA ASN A 76 6.20 -18.77 -2.82
C ASN A 76 5.81 -17.87 -1.65
N ALA A 77 6.02 -18.35 -0.42
CA ALA A 77 5.63 -17.58 0.75
C ALA A 77 6.44 -16.29 0.85
N ILE A 78 7.74 -16.35 0.56
CA ILE A 78 8.59 -15.17 0.63
C ILE A 78 8.23 -14.18 -0.47
N SER A 79 7.97 -14.66 -1.69
CA SER A 79 7.50 -13.78 -2.76
C SER A 79 6.20 -13.09 -2.37
N THR A 80 5.29 -13.83 -1.73
CA THR A 80 4.03 -13.23 -1.30
C THR A 80 4.26 -12.13 -0.26
N ILE A 81 5.14 -12.38 0.71
CA ILE A 81 5.44 -11.36 1.71
C ILE A 81 6.01 -10.12 1.04
N ALA A 82 6.99 -10.32 0.15
CA ALA A 82 7.63 -9.18 -0.51
C ALA A 82 6.60 -8.32 -1.25
N ARG A 83 5.64 -8.94 -1.93
CA ARG A 83 4.63 -8.17 -2.65
C ARG A 83 3.73 -7.41 -1.69
N SER A 84 3.36 -8.01 -0.56
CA SER A 84 2.56 -7.29 0.43
C SER A 84 3.34 -6.13 1.02
N HIS A 85 4.63 -6.34 1.30
CA HIS A 85 5.48 -5.28 1.79
C HIS A 85 5.54 -4.11 0.81
N VAL A 86 5.73 -4.39 -0.49
CA VAL A 86 5.82 -3.32 -1.46
C VAL A 86 4.51 -2.54 -1.53
N ARG A 87 3.38 -3.24 -1.41
CA ARG A 87 2.10 -2.54 -1.50
C ARG A 87 1.93 -1.54 -0.35
N ARG A 88 2.56 -1.80 0.80
CA ARG A 88 2.47 -0.89 1.94
C ARG A 88 3.75 -0.10 2.17
N ASN A 89 4.67 -0.07 1.20
CA ASN A 89 5.84 0.82 1.24
C ASN A 89 6.76 0.48 2.42
N VAL A 90 6.88 -0.81 2.72
CA VAL A 90 7.84 -1.28 3.72
C VAL A 90 9.26 -1.10 3.17
N LYS A 91 10.14 -0.52 3.98
CA LYS A 91 11.47 -0.13 3.54
C LYS A 91 12.52 -0.78 4.42
N PRO A 92 13.78 -0.88 3.93
CA PRO A 92 14.83 -1.51 4.75
C PRO A 92 14.95 -0.92 6.15
N GLU A 93 14.79 0.39 6.29
CA GLU A 93 14.92 1.03 7.60
C GLU A 93 13.88 0.54 8.60
N HIS A 94 12.80 -0.09 8.15
CA HIS A 94 11.80 -0.58 9.09
C HIS A 94 12.23 -1.87 9.76
N TYR A 95 13.09 -2.64 9.11
CA TYR A 95 13.31 -4.00 9.58
C TYR A 95 13.98 -4.06 10.95
N PRO A 96 14.92 -3.18 11.30
CA PRO A 96 15.45 -3.22 12.68
C PRO A 96 14.45 -2.84 13.75
N LEU A 97 13.37 -2.13 13.38
CA LEU A 97 12.34 -1.80 14.36
C LEU A 97 11.57 -3.05 14.75
N VAL A 98 11.11 -3.80 13.75
CA VAL A 98 10.42 -5.04 14.04
C VAL A 98 11.37 -6.03 14.74
N LYS A 99 12.64 -6.03 14.35
CA LYS A 99 13.59 -6.94 15.01
C LYS A 99 13.67 -6.66 16.51
N GLU A 100 13.84 -5.39 16.88
CA GLU A 100 13.95 -5.04 18.30
C GLU A 100 12.73 -5.50 19.07
N CYS A 101 11.55 -5.24 18.50
CA CYS A 101 10.31 -5.53 19.21
C CYS A 101 10.01 -7.01 19.23
N LEU A 102 10.38 -7.72 18.16
CA LEU A 102 10.16 -9.16 18.12
C LEU A 102 11.09 -9.87 19.10
N LEU A 103 12.39 -9.53 19.10
CA LEU A 103 13.30 -10.19 20.04
C LEU A 103 12.92 -9.88 21.48
N GLN A 104 12.47 -8.65 21.75
CA GLN A 104 12.03 -8.35 23.10
C GLN A 104 10.80 -9.18 23.48
N ALA A 105 9.84 -9.31 22.56
CA ALA A 105 8.66 -10.14 22.83
C ALA A 105 9.06 -11.58 23.07
N ILE A 106 10.00 -12.12 22.27
CA ILE A 106 10.45 -13.48 22.49
C ILE A 106 11.06 -13.63 23.87
N GLU A 107 11.88 -12.65 24.28
CA GLU A 107 12.51 -12.73 25.61
C GLU A 107 11.47 -12.66 26.72
N GLU A 108 10.49 -11.77 26.58
CA GLU A 108 9.47 -11.61 27.62
C GLU A 108 8.59 -12.85 27.75
N VAL A 109 8.15 -13.40 26.61
CA VAL A 109 7.14 -14.47 26.64
C VAL A 109 7.77 -15.84 26.82
N LEU A 110 8.91 -16.08 26.17
CA LEU A 110 9.57 -17.39 26.25
C LEU A 110 10.72 -17.44 27.25
N ASN A 111 11.36 -16.30 27.52
CA ASN A 111 12.61 -16.21 28.29
C ASN A 111 13.49 -17.43 27.97
N PRO A 112 13.90 -17.58 26.71
CA PRO A 112 14.51 -18.83 26.27
C PRO A 112 16.02 -18.89 26.43
N GLY A 113 16.64 -17.83 26.92
CA GLY A 113 18.08 -17.82 27.06
C GLY A 113 18.76 -17.11 25.91
N GLU A 114 20.03 -16.73 26.14
CA GLU A 114 20.73 -15.89 25.17
C GLU A 114 21.07 -16.64 23.90
N GLU A 115 21.29 -17.97 23.98
CA GLU A 115 21.57 -18.73 22.76
C GLU A 115 20.39 -18.66 21.78
N VAL A 116 19.17 -18.83 22.28
CA VAL A 116 18.01 -18.74 21.40
C VAL A 116 17.86 -17.33 20.86
N LEU A 117 18.07 -16.31 21.69
CA LEU A 117 17.85 -14.94 21.23
C LEU A 117 18.87 -14.56 20.16
N LYS A 118 20.13 -15.00 20.34
CA LYS A 118 21.15 -14.76 19.33
C LYS A 118 20.80 -15.48 18.04
N ALA A 119 20.33 -16.74 18.14
CA ALA A 119 19.95 -17.47 16.94
C ALA A 119 18.82 -16.78 16.19
N TRP A 120 17.80 -16.31 16.93
CA TRP A 120 16.71 -15.62 16.25
C TRP A 120 17.12 -14.26 15.70
N GLU A 121 18.10 -13.59 16.31
CA GLU A 121 18.62 -12.37 15.72
C GLU A 121 19.23 -12.66 14.35
N GLU A 122 20.07 -13.71 14.28
CA GLU A 122 20.71 -14.09 13.01
C GLU A 122 19.66 -14.53 12.00
N ALA A 123 18.71 -15.35 12.44
CA ALA A 123 17.68 -15.84 11.52
C ALA A 123 16.81 -14.69 11.01
N TYR A 124 16.43 -13.77 11.89
CA TYR A 124 15.67 -12.61 11.45
C TYR A 124 16.45 -11.82 10.40
N ASP A 125 17.71 -11.53 10.70
CA ASP A 125 18.53 -10.74 9.78
C ASP A 125 18.65 -11.42 8.41
N PHE A 126 18.77 -12.76 8.41
CA PHE A 126 18.88 -13.48 7.14
C PHE A 126 17.61 -13.30 6.31
N LEU A 127 16.46 -13.46 6.95
CA LEU A 127 15.19 -13.31 6.21
C LEU A 127 14.95 -11.86 5.82
N ALA A 128 15.28 -10.91 6.70
CA ALA A 128 15.16 -9.49 6.36
C ALA A 128 15.97 -9.15 5.11
N LYS A 129 17.22 -9.59 5.05
CA LYS A 129 18.04 -9.30 3.88
C LYS A 129 17.46 -9.94 2.63
N THR A 130 16.92 -11.16 2.78
CA THR A 130 16.28 -11.82 1.65
C THR A 130 15.09 -11.01 1.14
N LEU A 131 14.21 -10.58 2.05
CA LEU A 131 13.03 -9.82 1.68
C LEU A 131 13.40 -8.47 1.08
N ILE A 132 14.31 -7.75 1.74
CA ILE A 132 14.71 -6.43 1.26
C ILE A 132 15.22 -6.50 -0.17
N THR A 133 16.06 -7.51 -0.47
CA THR A 133 16.60 -7.65 -1.81
C THR A 133 15.49 -7.86 -2.84
N LEU A 134 14.56 -8.77 -2.54
CA LEU A 134 13.44 -8.99 -3.45
C LEU A 134 12.59 -7.74 -3.59
N GLU A 135 12.35 -7.04 -2.47
CA GLU A 135 11.52 -5.84 -2.49
C GLU A 135 12.18 -4.71 -3.27
N LYS A 136 13.50 -4.57 -3.16
CA LYS A 136 14.22 -3.59 -3.97
C LYS A 136 13.95 -3.81 -5.46
N LYS A 137 13.97 -5.06 -5.90
CA LYS A 137 13.68 -5.34 -7.30
C LYS A 137 12.23 -4.99 -7.65
N LEU A 138 11.29 -5.37 -6.79
CA LEU A 138 9.87 -5.09 -7.08
C LEU A 138 9.60 -3.59 -7.09
N TYR A 139 10.29 -2.84 -6.24
CA TYR A 139 10.15 -1.37 -6.27
C TYR A 139 10.61 -0.77 -7.59
N SER A 140 11.39 -1.52 -8.38
CA SER A 140 11.84 -1.06 -9.70
C SER A 140 10.91 -1.49 -10.83
N GLN A 141 9.85 -2.27 -10.53
CA GLN A 141 9.08 -2.93 -11.58
C GLN A 141 7.78 -2.18 -11.87
N PRO A 142 7.47 -1.92 -13.16
CA PRO A 142 6.21 -1.29 -13.56
C PRO A 142 5.00 -2.18 -13.25
N MET B 4 -22.11 20.85 -2.01
CA MET B 4 -22.02 19.87 -3.08
C MET B 4 -21.73 20.52 -4.43
N LEU B 5 -22.03 19.78 -5.49
CA LEU B 5 -21.79 20.26 -6.84
C LEU B 5 -22.87 21.24 -7.25
N SER B 6 -22.46 22.37 -7.84
CA SER B 6 -23.45 23.32 -8.33
C SER B 6 -24.11 22.78 -9.60
N GLU B 7 -25.30 23.29 -9.91
CA GLU B 7 -25.98 22.88 -11.13
C GLU B 7 -25.18 23.27 -12.36
N GLU B 8 -24.50 24.42 -12.31
CA GLU B 8 -23.70 24.84 -13.46
C GLU B 8 -22.49 23.94 -13.64
N THR B 9 -21.84 23.53 -12.55
CA THR B 9 -20.72 22.60 -12.67
C THR B 9 -21.20 21.26 -13.24
N ILE B 10 -22.34 20.77 -12.78
CA ILE B 10 -22.88 19.52 -13.29
C ILE B 10 -23.13 19.62 -14.80
N ARG B 11 -23.79 20.70 -15.23
CA ARG B 11 -24.04 20.88 -16.65
CA ARG B 11 -24.04 20.95 -16.65
C ARG B 11 -22.74 20.93 -17.45
N VAL B 12 -21.74 21.66 -16.95
CA VAL B 12 -20.48 21.79 -17.69
C VAL B 12 -19.72 20.47 -17.70
N ILE B 13 -19.67 19.77 -16.56
CA ILE B 13 -18.97 18.49 -16.52
C ILE B 13 -19.57 17.53 -17.54
N LYS B 14 -20.89 17.41 -17.56
CA LYS B 14 -21.52 16.47 -18.49
C LYS B 14 -21.19 16.83 -19.93
N SER B 15 -21.13 18.13 -20.25
CA SER B 15 -20.88 18.55 -21.62
C SER B 15 -19.47 18.20 -22.08
N THR B 16 -18.54 17.92 -21.16
CA THR B 16 -17.19 17.54 -21.54
C THR B 16 -17.02 16.05 -21.80
N VAL B 17 -18.06 15.24 -21.57
CA VAL B 17 -17.91 13.79 -21.77
C VAL B 17 -17.39 13.43 -23.16
N PRO B 18 -17.91 13.99 -24.27
CA PRO B 18 -17.34 13.66 -25.58
C PRO B 18 -15.88 14.04 -25.73
N LEU B 19 -15.46 15.15 -25.13
CA LEU B 19 -14.06 15.56 -25.20
C LEU B 19 -13.17 14.56 -24.48
N LEU B 20 -13.64 14.05 -23.35
CA LEU B 20 -12.86 13.08 -22.58
C LEU B 20 -12.82 11.73 -23.28
N LYS B 21 -13.91 11.34 -23.95
CA LYS B 21 -13.85 10.12 -24.74
C LYS B 21 -12.83 10.22 -25.85
N GLU B 22 -12.71 11.40 -26.48
CA GLU B 22 -11.73 11.57 -27.55
C GLU B 22 -10.31 11.63 -27.01
N HIS B 23 -10.09 12.36 -25.91
CA HIS B 23 -8.75 12.72 -25.47
C HIS B 23 -8.39 12.19 -24.09
N GLY B 24 -9.26 11.38 -23.47
CA GLY B 24 -9.06 11.01 -22.08
C GLY B 24 -7.74 10.32 -21.81
N THR B 25 -7.34 9.38 -22.67
CA THR B 25 -6.09 8.65 -22.44
CA THR B 25 -6.10 8.65 -22.44
C THR B 25 -4.88 9.54 -22.68
N GLU B 26 -4.96 10.43 -23.68
CA GLU B 26 -3.92 11.45 -23.80
C GLU B 26 -3.82 12.26 -22.52
N ILE B 27 -4.98 12.64 -21.96
CA ILE B 27 -5.00 13.46 -20.77
C ILE B 27 -4.40 12.72 -19.58
N THR B 28 -4.82 11.47 -19.36
CA THR B 28 -4.30 10.75 -18.19
C THR B 28 -2.85 10.33 -18.38
N ALA B 29 -2.42 10.08 -19.62
CA ALA B 29 -1.01 9.82 -19.85
C ALA B 29 -0.18 11.06 -19.57
N ARG B 30 -0.68 12.24 -19.98
CA ARG B 30 0.01 13.48 -19.66
C ARG B 30 0.02 13.73 -18.15
N MET B 31 -1.11 13.42 -17.49
CA MET B 31 -1.18 13.52 -16.03
CA MET B 31 -1.17 13.53 -16.04
C MET B 31 -0.06 12.71 -15.39
N PHE B 32 0.05 11.43 -15.75
CA PHE B 32 1.10 10.58 -15.18
C PHE B 32 2.49 11.11 -15.49
N GLU B 33 2.70 11.60 -16.72
CA GLU B 33 4.01 12.14 -17.09
C GLU B 33 4.40 13.27 -16.17
N LEU B 34 3.45 14.16 -15.87
CA LEU B 34 3.68 15.24 -14.92
C LEU B 34 3.83 14.71 -13.49
N LEU B 35 2.99 13.76 -13.10
CA LEU B 35 2.99 13.26 -11.73
C LEU B 35 4.32 12.61 -11.39
N PHE B 36 4.81 11.72 -12.25
CA PHE B 36 6.03 10.97 -11.95
C PHE B 36 7.29 11.81 -12.11
N SER B 37 7.25 12.88 -12.91
CA SER B 37 8.39 13.77 -13.07
CA SER B 37 8.42 13.74 -13.04
C SER B 37 8.49 14.76 -11.91
N LYS B 38 7.37 15.37 -11.56
CA LYS B 38 7.34 16.36 -10.50
C LYS B 38 7.40 15.71 -9.12
N TYR B 39 6.69 14.60 -8.94
CA TYR B 39 6.48 13.99 -7.63
C TYR B 39 6.87 12.53 -7.72
N PRO B 40 8.16 12.26 -7.96
CA PRO B 40 8.58 10.89 -8.29
C PRO B 40 8.35 9.89 -7.17
N LYS B 41 8.14 10.35 -5.93
CA LYS B 41 7.82 9.40 -4.87
C LYS B 41 6.51 8.68 -5.13
N THR B 42 5.60 9.29 -5.90
CA THR B 42 4.35 8.62 -6.22
C THR B 42 4.55 7.37 -7.07
N LYS B 43 5.66 7.27 -7.80
CA LYS B 43 5.92 6.07 -8.59
C LYS B 43 5.86 4.82 -7.72
N GLU B 44 6.30 4.92 -6.47
CA GLU B 44 6.34 3.75 -5.60
C GLU B 44 4.94 3.23 -5.28
N LEU B 45 3.94 4.11 -5.28
CA LEU B 45 2.56 3.68 -5.05
C LEU B 45 2.09 2.74 -6.15
N PHE B 46 2.64 2.88 -7.36
CA PHE B 46 2.24 2.08 -8.49
C PHE B 46 3.20 0.95 -8.79
N ALA B 47 4.20 0.72 -7.95
CA ALA B 47 5.11 -0.40 -8.17
C ALA B 47 4.32 -1.70 -8.14
N GLY B 48 4.45 -2.49 -9.20
CA GLY B 48 3.72 -3.74 -9.28
C GLY B 48 2.24 -3.59 -9.57
N ALA B 49 1.79 -2.40 -9.92
CA ALA B 49 0.38 -2.16 -10.20
C ALA B 49 0.01 -2.73 -11.57
N SER B 50 -1.29 -2.72 -11.85
CA SER B 50 -1.81 -3.30 -13.07
C SER B 50 -1.36 -2.52 -14.30
N GLU B 51 -1.50 -3.15 -15.46
CA GLU B 51 -1.23 -2.49 -16.72
C GLU B 51 -2.39 -1.59 -17.11
N GLU B 52 -2.14 -0.73 -18.10
CA GLU B 52 -3.16 0.15 -18.70
C GLU B 52 -3.71 1.15 -17.69
N GLN B 53 -2.85 1.68 -16.83
CA GLN B 53 -3.30 2.68 -15.86
C GLN B 53 -3.88 3.94 -16.51
N PRO B 54 -3.31 4.50 -17.57
CA PRO B 54 -3.96 5.68 -18.18
C PRO B 54 -5.37 5.42 -18.65
N LYS B 55 -5.61 4.25 -19.25
CA LYS B 55 -6.96 3.88 -19.68
C LYS B 55 -7.88 3.69 -18.49
N LYS B 56 -7.42 3.00 -17.45
CA LYS B 56 -8.26 2.78 -16.28
C LYS B 56 -8.73 4.09 -15.67
N LEU B 57 -7.81 5.05 -15.49
CA LEU B 57 -8.22 6.33 -14.94
C LEU B 57 -9.13 7.08 -15.89
N ALA B 58 -8.81 7.08 -17.18
CA ALA B 58 -9.66 7.79 -18.15
C ALA B 58 -11.08 7.26 -18.12
N ASN B 59 -11.24 5.95 -18.03
CA ASN B 59 -12.59 5.38 -17.98
C ASN B 59 -13.33 5.79 -16.72
N ALA B 60 -12.64 5.85 -15.58
CA ALA B 60 -13.27 6.28 -14.34
C ALA B 60 -13.70 7.74 -14.42
N ILE B 61 -12.87 8.58 -15.02
CA ILE B 61 -13.22 9.99 -15.16
C ILE B 61 -14.43 10.14 -16.08
N ILE B 62 -14.46 9.40 -17.19
CA ILE B 62 -15.60 9.46 -18.11
C ILE B 62 -16.87 9.00 -17.41
N ALA B 63 -16.78 7.93 -16.61
CA ALA B 63 -17.95 7.45 -15.87
C ALA B 63 -18.43 8.48 -14.86
N TYR B 64 -17.51 9.08 -14.11
CA TYR B 64 -17.86 10.11 -13.13
C TYR B 64 -18.58 11.27 -13.81
N ALA B 65 -18.00 11.78 -14.91
CA ALA B 65 -18.60 12.89 -15.61
C ALA B 65 -19.97 12.54 -16.17
N THR B 66 -20.14 11.30 -16.62
CA THR B 66 -21.41 10.91 -17.21
C THR B 66 -22.52 10.86 -16.16
N TYR B 67 -22.19 10.43 -14.94
CA TYR B 67 -23.15 10.22 -13.87
C TYR B 67 -23.00 11.26 -12.77
N ILE B 68 -22.46 12.44 -13.10
CA ILE B 68 -22.16 13.45 -12.09
C ILE B 68 -23.41 13.93 -11.36
N ASP B 69 -24.57 13.87 -12.03
CA ASP B 69 -25.84 14.22 -11.41
C ASP B 69 -26.63 13.00 -10.97
N ARG B 70 -26.00 11.82 -11.00
CA ARG B 70 -26.62 10.55 -10.63
C ARG B 70 -25.61 9.73 -9.85
N LEU B 71 -25.05 10.34 -8.81
CA LEU B 71 -23.89 9.77 -8.13
C LEU B 71 -24.20 8.43 -7.49
N GLU B 72 -25.46 8.19 -7.14
CA GLU B 72 -25.84 6.91 -6.54
C GLU B 72 -25.51 5.74 -7.47
N GLU B 73 -25.52 5.97 -8.78
CA GLU B 73 -25.16 4.92 -9.73
C GLU B 73 -23.69 4.56 -9.65
N LEU B 74 -22.86 5.43 -9.06
CA LEU B 74 -21.43 5.19 -8.93
C LEU B 74 -21.05 4.59 -7.59
N ASP B 75 -22.01 4.19 -6.76
CA ASP B 75 -21.69 3.74 -5.42
C ASP B 75 -20.67 2.60 -5.44
N ASN B 76 -20.93 1.57 -6.24
CA ASN B 76 -20.02 0.43 -6.31
C ASN B 76 -18.67 0.83 -6.90
N ALA B 77 -18.68 1.64 -7.96
CA ALA B 77 -17.43 2.08 -8.59
C ALA B 77 -16.56 2.83 -7.59
N ILE B 78 -17.16 3.70 -6.79
CA ILE B 78 -16.41 4.50 -5.84
C ILE B 78 -15.91 3.65 -4.68
N SER B 79 -16.72 2.70 -4.21
CA SER B 79 -16.25 1.75 -3.19
C SER B 79 -15.07 0.94 -3.70
N THR B 80 -15.12 0.52 -4.97
CA THR B 80 -14.02 -0.25 -5.55
C THR B 80 -12.74 0.57 -5.59
N ILE B 81 -12.84 1.84 -5.98
CA ILE B 81 -11.67 2.71 -6.00
C ILE B 81 -11.10 2.86 -4.60
N ALA B 82 -11.97 3.16 -3.63
CA ALA B 82 -11.52 3.36 -2.25
C ALA B 82 -10.79 2.14 -1.73
N ARG B 83 -11.30 0.93 -2.02
CA ARG B 83 -10.63 -0.28 -1.57
C ARG B 83 -9.26 -0.45 -2.24
N SER B 84 -9.16 -0.09 -3.53
CA SER B 84 -7.86 -0.19 -4.21
C SER B 84 -6.87 0.82 -3.66
N HIS B 85 -7.34 2.04 -3.38
CA HIS B 85 -6.49 3.05 -2.74
C HIS B 85 -5.98 2.58 -1.39
N VAL B 86 -6.86 2.07 -0.54
CA VAL B 86 -6.44 1.64 0.79
C VAL B 86 -5.42 0.51 0.67
N ARG B 87 -5.62 -0.40 -0.30
CA ARG B 87 -4.68 -1.50 -0.51
C ARG B 87 -3.25 -1.00 -0.76
N ARG B 88 -3.12 0.15 -1.41
CA ARG B 88 -1.83 0.75 -1.76
C ARG B 88 -1.47 1.93 -0.88
N ASN B 89 -2.18 2.15 0.22
CA ASN B 89 -1.89 3.23 1.18
C ASN B 89 -1.91 4.60 0.52
N VAL B 90 -2.90 4.82 -0.34
CA VAL B 90 -3.15 6.14 -0.89
C VAL B 90 -3.77 7.02 0.20
N LYS B 91 -3.23 8.22 0.37
CA LYS B 91 -3.50 9.05 1.52
C LYS B 91 -3.98 10.43 1.09
N PRO B 92 -4.60 11.19 2.00
CA PRO B 92 -5.12 12.51 1.60
C PRO B 92 -4.06 13.42 1.00
N GLU B 93 -2.82 13.33 1.48
CA GLU B 93 -1.74 14.16 0.96
C GLU B 93 -1.40 13.86 -0.51
N HIS B 94 -1.87 12.74 -1.05
CA HIS B 94 -1.60 12.44 -2.45
C HIS B 94 -2.57 13.13 -3.40
N TYR B 95 -3.80 13.39 -2.95
CA TYR B 95 -4.79 13.94 -3.88
C TYR B 95 -4.42 15.29 -4.47
N PRO B 96 -3.75 16.21 -3.75
CA PRO B 96 -3.33 17.46 -4.40
C PRO B 96 -2.35 17.25 -5.53
N LEU B 97 -1.56 16.18 -5.48
CA LEU B 97 -0.59 15.92 -6.53
C LEU B 97 -1.28 15.55 -7.83
N VAL B 98 -2.21 14.60 -7.76
CA VAL B 98 -2.97 14.22 -8.95
C VAL B 98 -3.84 15.37 -9.44
N LYS B 99 -4.39 16.15 -8.50
CA LYS B 99 -5.23 17.29 -8.89
C LYS B 99 -4.47 18.25 -9.79
N GLU B 100 -3.27 18.65 -9.37
CA GLU B 100 -2.48 19.60 -10.14
C GLU B 100 -2.14 19.06 -11.52
N CYS B 101 -1.72 17.80 -11.58
CA CYS B 101 -1.29 17.21 -12.85
C CYS B 101 -2.47 16.95 -13.78
N LEU B 102 -3.60 16.49 -13.23
CA LEU B 102 -4.78 16.25 -14.04
C LEU B 102 -5.32 17.54 -14.64
N LEU B 103 -5.48 18.57 -13.82
CA LEU B 103 -6.04 19.83 -14.31
C LEU B 103 -5.10 20.49 -15.32
N GLN B 104 -3.79 20.40 -15.12
CA GLN B 104 -2.85 20.91 -16.11
C GLN B 104 -3.02 20.18 -17.43
N ALA B 105 -3.12 18.85 -17.39
CA ALA B 105 -3.28 18.07 -18.61
C ALA B 105 -4.60 18.43 -19.31
N ILE B 106 -5.68 18.60 -18.55
CA ILE B 106 -6.94 18.99 -19.16
C ILE B 106 -6.78 20.34 -19.86
N GLU B 107 -6.13 21.29 -19.20
CA GLU B 107 -5.97 22.63 -19.76
C GLU B 107 -5.13 22.61 -21.03
N GLU B 108 -4.05 21.82 -21.03
CA GLU B 108 -3.18 21.75 -22.20
C GLU B 108 -3.89 21.09 -23.38
N VAL B 109 -4.53 19.95 -23.13
CA VAL B 109 -5.03 19.11 -24.22
C VAL B 109 -6.34 19.66 -24.76
N LEU B 110 -7.23 20.09 -23.88
CA LEU B 110 -8.54 20.56 -24.32
C LEU B 110 -8.63 22.06 -24.48
N ASN B 111 -7.83 22.83 -23.73
CA ASN B 111 -7.94 24.28 -23.62
C ASN B 111 -9.43 24.68 -23.59
N PRO B 112 -10.18 24.18 -22.61
CA PRO B 112 -11.64 24.28 -22.66
C PRO B 112 -12.20 25.57 -22.11
N GLY B 113 -11.35 26.44 -21.55
CA GLY B 113 -11.78 27.69 -20.99
C GLY B 113 -11.84 27.65 -19.48
N GLU B 114 -11.84 28.84 -18.88
CA GLU B 114 -11.80 28.93 -17.43
C GLU B 114 -13.06 28.35 -16.80
N GLU B 115 -14.21 28.46 -17.46
CA GLU B 115 -15.43 27.91 -16.89
C GLU B 115 -15.36 26.39 -16.78
N VAL B 116 -14.84 25.73 -17.81
CA VAL B 116 -14.72 24.29 -17.74
C VAL B 116 -13.66 23.87 -16.73
N LEU B 117 -12.52 24.59 -16.67
CA LEU B 117 -11.49 24.23 -15.70
C LEU B 117 -11.98 24.41 -14.28
N LYS B 118 -12.77 25.46 -14.02
CA LYS B 118 -13.34 25.65 -12.68
C LYS B 118 -14.29 24.50 -12.33
N ALA B 119 -15.12 24.09 -13.29
CA ALA B 119 -16.02 22.96 -13.06
C ALA B 119 -15.25 21.68 -12.78
N TRP B 120 -14.18 21.41 -13.53
CA TRP B 120 -13.42 20.20 -13.28
C TRP B 120 -12.66 20.26 -11.96
N GLU B 121 -12.20 21.46 -11.56
CA GLU B 121 -11.59 21.57 -10.23
C GLU B 121 -12.60 21.22 -9.14
N GLU B 122 -13.80 21.79 -9.24
CA GLU B 122 -14.86 21.50 -8.27
CA GLU B 122 -14.83 21.49 -8.26
C GLU B 122 -15.23 20.02 -8.30
N ALA B 123 -15.34 19.45 -9.50
CA ALA B 123 -15.71 18.04 -9.59
C ALA B 123 -14.63 17.13 -9.03
N TYR B 124 -13.36 17.44 -9.31
CA TYR B 124 -12.27 16.68 -8.73
C TYR B 124 -12.32 16.78 -7.21
N ASP B 125 -12.44 18.01 -6.69
CA ASP B 125 -12.43 18.18 -5.24
C ASP B 125 -13.53 17.38 -4.58
N PHE B 126 -14.71 17.35 -5.19
CA PHE B 126 -15.85 16.64 -4.61
C PHE B 126 -15.57 15.15 -4.57
N LEU B 127 -15.04 14.60 -5.65
CA LEU B 127 -14.74 13.17 -5.67
C LEU B 127 -13.58 12.83 -4.74
N ALA B 128 -12.55 13.67 -4.70
CA ALA B 128 -11.45 13.43 -3.79
C ALA B 128 -11.93 13.41 -2.34
N LYS B 129 -12.77 14.38 -1.96
CA LYS B 129 -13.30 14.39 -0.60
C LYS B 129 -14.11 13.15 -0.31
N THR B 130 -14.92 12.73 -1.29
CA THR B 130 -15.73 11.52 -1.14
C THR B 130 -14.85 10.31 -0.90
N LEU B 131 -13.84 10.12 -1.75
CA LEU B 131 -12.92 8.99 -1.60
C LEU B 131 -12.16 9.07 -0.29
N ILE B 132 -11.62 10.23 0.05
CA ILE B 132 -10.85 10.37 1.29
C ILE B 132 -11.69 9.98 2.48
N THR B 133 -12.95 10.43 2.52
CA THR B 133 -13.85 10.10 3.62
C THR B 133 -14.05 8.60 3.73
N LEU B 134 -14.34 7.93 2.61
CA LEU B 134 -14.50 6.48 2.64
C LEU B 134 -13.20 5.80 3.05
N GLU B 135 -12.07 6.28 2.54
CA GLU B 135 -10.81 5.63 2.83
C GLU B 135 -10.41 5.81 4.29
N LYS B 136 -10.72 6.98 4.88
CA LYS B 136 -10.51 7.15 6.32
C LYS B 136 -11.28 6.13 7.12
N LYS B 137 -12.54 5.88 6.74
CA LYS B 137 -13.33 4.85 7.41
C LYS B 137 -12.63 3.50 7.32
N LEU B 138 -12.14 3.15 6.13
CA LEU B 138 -11.48 1.85 5.98
C LEU B 138 -10.17 1.78 6.74
N TYR B 139 -9.41 2.88 6.76
CA TYR B 139 -8.14 2.87 7.48
C TYR B 139 -8.31 2.69 8.98
N SER B 140 -9.50 2.93 9.51
CA SER B 140 -9.76 2.68 10.92
C SER B 140 -10.51 1.37 11.09
#